data_6TV3
#
_entry.id   6TV3
#
_cell.length_a   37.666
_cell.length_b   79.237
_cell.length_c   39.430
_cell.angle_alpha   90.000
_cell.angle_beta   118.180
_cell.angle_gamma   90.000
#
_symmetry.space_group_name_H-M   'P 1 21 1'
#
loop_
_entity.id
_entity.type
_entity.pdbx_description
1 polymer 'DNA repair and recombination protein RadA'
2 non-polymer '3-azanylnaphthalene-2-carboxylic acid'
3 non-polymer 'PHOSPHATE ION'
4 non-polymer GLYCEROL
5 water water
#
_entity_poly.entity_id   1
_entity_poly.type   'polypeptide(L)'
_entity_poly.pdbx_seq_one_letter_code
;MATIGRISTGSKSLDKLLGGGIETQAITEVFGEFGSGKTQLAHTLAVMVQLPPEEGGLNGSVMWIDTENTFRPERIREIA
QNRGLDPDEVLKHIAYARAFNSNHQMLLVQQAEDMIKELLNTDRPVKLLIVDSLTSHFRSEYIGRGALAERQQKLAKHLA
DLHRLANLYDIAVFVTNQVQANGGHILAHSATLRVYLRKGKGGKRIARLIDAPHLPEGEAVFSITEKGIED
;
_entity_poly.pdbx_strand_id   A
#
# COMPACT_ATOMS: atom_id res chain seq x y z
N ALA A 2 -9.83 17.10 1.98
CA ALA A 2 -8.79 17.91 1.36
C ALA A 2 -8.62 17.52 -0.12
N THR A 3 -7.63 18.14 -0.80
CA THR A 3 -7.31 17.86 -2.20
C THR A 3 -6.68 16.45 -2.29
N ILE A 4 -6.89 15.75 -3.42
CA ILE A 4 -6.32 14.41 -3.61
C ILE A 4 -4.82 14.51 -3.86
N GLY A 5 -4.04 13.95 -2.94
CA GLY A 5 -2.59 13.87 -3.06
C GLY A 5 -2.21 12.59 -3.77
N ARG A 6 -1.12 12.63 -4.52
CA ARG A 6 -0.61 11.45 -5.24
C ARG A 6 0.80 11.12 -4.83
N ILE A 7 1.03 9.83 -4.54
CA ILE A 7 2.35 9.37 -4.15
C ILE A 7 2.93 8.67 -5.36
N SER A 8 4.13 9.05 -5.79
CA SER A 8 4.78 8.36 -6.88
C SER A 8 5.16 6.91 -6.45
N THR A 9 5.03 5.97 -7.38
CA THR A 9 5.42 4.58 -7.14
C THR A 9 6.92 4.41 -7.33
N GLY A 10 7.57 5.41 -7.90
CA GLY A 10 8.99 5.35 -8.26
C GLY A 10 9.15 5.09 -9.75
N SER A 11 8.10 4.56 -10.41
CA SER A 11 8.06 4.28 -11.85
C SER A 11 7.23 5.30 -12.60
N LYS A 12 7.81 6.02 -13.58
CA LYS A 12 7.06 6.98 -14.41
C LYS A 12 5.95 6.28 -15.20
N SER A 13 6.25 5.10 -15.78
CA SER A 13 5.30 4.30 -16.55
C SER A 13 4.08 3.90 -15.68
N LEU A 14 4.38 3.40 -14.47
CA LEU A 14 3.33 2.97 -13.54
C LEU A 14 2.52 4.17 -13.07
N ASP A 15 3.19 5.30 -12.75
CA ASP A 15 2.49 6.49 -12.33
C ASP A 15 1.53 6.98 -13.43
N LYS A 16 1.97 6.96 -14.71
CA LYS A 16 1.08 7.37 -15.81
C LYS A 16 -0.15 6.47 -15.86
N LEU A 17 0.05 5.14 -15.69
CA LEU A 17 -1.07 4.21 -15.73
C LEU A 17 -2.08 4.54 -14.62
N LEU A 18 -1.55 4.95 -13.46
CA LEU A 18 -2.41 5.24 -12.30
C LEU A 18 -2.97 6.66 -12.23
N GLY A 19 -2.67 7.48 -13.22
CA GLY A 19 -3.14 8.85 -13.25
C GLY A 19 -2.28 9.82 -12.44
N GLY A 20 -1.04 9.45 -12.19
CA GLY A 20 -0.05 10.26 -11.49
C GLY A 20 0.59 9.64 -10.25
N GLY A 21 0.09 8.49 -9.83
CA GLY A 21 0.59 7.84 -8.63
C GLY A 21 -0.58 7.33 -7.83
N ILE A 22 -0.32 6.81 -6.61
CA ILE A 22 -1.44 6.32 -5.83
C ILE A 22 -2.10 7.48 -5.12
N GLU A 23 -3.40 7.40 -4.99
CA GLU A 23 -4.19 8.48 -4.44
C GLU A 23 -4.51 8.39 -2.94
N THR A 24 -4.54 9.58 -2.29
CA THR A 24 -5.09 9.71 -0.96
C THR A 24 -6.63 9.67 -1.13
N GLN A 25 -7.33 9.36 -0.03
CA GLN A 25 -8.80 9.21 0.00
C GLN A 25 -9.25 8.09 -0.92
N ALA A 26 -8.40 7.05 -1.06
CA ALA A 26 -8.68 5.91 -1.91
C ALA A 26 -7.95 4.70 -1.40
N ILE A 27 -8.46 3.50 -1.76
CA ILE A 27 -7.81 2.22 -1.52
C ILE A 27 -7.31 1.73 -2.84
N THR A 28 -5.99 1.50 -2.94
CA THR A 28 -5.35 0.91 -4.10
C THR A 28 -5.02 -0.52 -3.71
N GLU A 29 -5.55 -1.47 -4.43
CA GLU A 29 -5.36 -2.88 -4.17
C GLU A 29 -4.49 -3.47 -5.27
N VAL A 30 -3.37 -4.11 -4.88
CA VAL A 30 -2.46 -4.69 -5.82
C VAL A 30 -2.45 -6.20 -5.64
N PHE A 31 -2.66 -6.91 -6.75
CA PHE A 31 -2.70 -8.37 -6.78
C PHE A 31 -1.52 -8.91 -7.50
N GLY A 32 -1.13 -10.13 -7.16
CA GLY A 32 -0.03 -10.75 -7.86
C GLY A 32 0.48 -11.97 -7.14
N GLU A 33 1.09 -12.86 -7.90
CA GLU A 33 1.71 -14.06 -7.32
C GLU A 33 3.02 -13.64 -6.64
N PHE A 34 3.61 -14.55 -5.84
CA PHE A 34 4.88 -14.32 -5.17
C PHE A 34 5.92 -13.98 -6.25
N GLY A 35 6.66 -12.90 -6.03
CA GLY A 35 7.65 -12.45 -7.00
C GLY A 35 7.14 -11.45 -8.03
N SER A 36 5.83 -11.11 -8.03
CA SER A 36 5.26 -10.15 -8.98
C SER A 36 5.68 -8.71 -8.70
N GLY A 37 6.20 -8.46 -7.51
CA GLY A 37 6.65 -7.12 -7.11
C GLY A 37 5.72 -6.35 -6.19
N LYS A 38 4.65 -6.99 -5.67
CA LYS A 38 3.70 -6.26 -4.85
C LYS A 38 4.33 -5.78 -3.52
N THR A 39 5.17 -6.63 -2.90
CA THR A 39 5.83 -6.22 -1.65
C THR A 39 6.90 -5.16 -1.95
N GLN A 40 7.56 -5.24 -3.09
CA GLN A 40 8.55 -4.22 -3.49
C GLN A 40 7.90 -2.88 -3.70
N LEU A 41 6.68 -2.89 -4.26
CA LEU A 41 5.94 -1.65 -4.44
C LEU A 41 5.52 -1.07 -3.07
N ALA A 42 5.06 -1.91 -2.15
CA ALA A 42 4.71 -1.45 -0.83
C ALA A 42 5.95 -0.80 -0.14
N HIS A 43 7.12 -1.46 -0.22
CA HIS A 43 8.31 -0.88 0.43
C HIS A 43 8.71 0.45 -0.23
N THR A 44 8.65 0.53 -1.58
CA THR A 44 9.01 1.75 -2.28
C THR A 44 8.06 2.90 -1.91
N LEU A 45 6.71 2.62 -1.88
CA LEU A 45 5.81 3.66 -1.50
C LEU A 45 6.04 4.18 -0.06
N ALA A 46 6.48 3.29 0.88
CA ALA A 46 6.74 3.69 2.27
C ALA A 46 7.87 4.67 2.35
N VAL A 47 8.76 4.65 1.34
CA VAL A 47 9.84 5.62 1.21
C VAL A 47 9.38 6.83 0.43
N MET A 48 8.79 6.63 -0.78
CA MET A 48 8.42 7.77 -1.60
C MET A 48 7.49 8.75 -0.91
N VAL A 49 6.53 8.25 -0.10
CA VAL A 49 5.59 9.18 0.55
C VAL A 49 6.26 10.21 1.47
N GLN A 50 7.48 9.86 1.92
CA GLN A 50 8.24 10.71 2.86
C GLN A 50 8.92 11.87 2.18
N LEU A 51 9.00 11.81 0.87
CA LEU A 51 9.62 12.89 0.08
C LEU A 51 8.68 14.09 -0.03
N PRO A 52 9.21 15.31 -0.32
CA PRO A 52 8.29 16.45 -0.54
C PRO A 52 7.53 16.25 -1.88
N PRO A 53 6.43 17.02 -2.10
CA PRO A 53 5.64 16.89 -3.36
C PRO A 53 6.45 17.04 -4.64
N GLU A 54 7.51 17.87 -4.60
CA GLU A 54 8.40 18.13 -5.74
C GLU A 54 9.13 16.86 -6.18
N GLU A 55 9.26 15.91 -5.26
CA GLU A 55 9.96 14.65 -5.50
C GLU A 55 9.00 13.44 -5.55
N GLY A 56 7.69 13.71 -5.56
CA GLY A 56 6.68 12.65 -5.68
C GLY A 56 6.10 12.12 -4.38
N GLY A 57 6.38 12.80 -3.29
CA GLY A 57 5.81 12.38 -2.01
C GLY A 57 4.84 13.37 -1.42
N LEU A 58 4.51 13.17 -0.15
CA LEU A 58 3.53 14.00 0.53
C LEU A 58 4.01 14.42 1.91
N ASN A 59 5.34 14.41 2.13
CA ASN A 59 5.94 14.79 3.41
C ASN A 59 5.23 14.01 4.54
N GLY A 60 4.95 12.73 4.27
CA GLY A 60 4.14 11.98 5.21
C GLY A 60 4.80 10.87 6.00
N SER A 61 4.07 10.40 7.01
CA SER A 61 4.39 9.27 7.88
C SER A 61 3.62 8.07 7.30
N VAL A 62 4.00 6.89 7.72
CA VAL A 62 3.44 5.62 7.24
C VAL A 62 3.00 4.76 8.42
N MET A 63 1.93 3.98 8.22
CA MET A 63 1.51 2.95 9.16
C MET A 63 1.44 1.69 8.34
N TRP A 64 2.02 0.61 8.84
CA TRP A 64 2.11 -0.63 8.09
C TRP A 64 1.62 -1.80 8.90
N ILE A 65 0.56 -2.45 8.41
CA ILE A 65 0.01 -3.64 9.03
C ILE A 65 0.46 -4.83 8.23
N ASP A 66 1.23 -5.75 8.86
N ASP A 66 1.24 -5.71 8.85
CA ASP A 66 1.82 -6.94 8.24
CA ASP A 66 1.64 -6.91 8.16
C ASP A 66 1.10 -8.21 8.71
C ASP A 66 0.72 -7.99 8.67
N THR A 67 0.41 -8.93 7.80
CA THR A 67 -0.36 -10.12 8.18
C THR A 67 0.54 -11.37 8.12
N GLU A 68 1.67 -11.34 7.36
CA GLU A 68 2.49 -12.57 7.22
C GLU A 68 4.04 -12.50 7.25
N ASN A 69 4.62 -11.49 7.88
CA ASN A 69 6.09 -11.33 7.99
C ASN A 69 6.73 -11.02 6.63
N THR A 70 6.25 -9.95 5.99
CA THR A 70 6.86 -9.59 4.71
C THR A 70 7.53 -8.18 4.79
N PHE A 71 7.40 -7.41 5.90
CA PHE A 71 8.09 -6.12 6.03
C PHE A 71 9.58 -6.38 6.31
N ARG A 72 10.43 -5.70 5.56
CA ARG A 72 11.89 -5.82 5.68
C ARG A 72 12.52 -4.47 5.91
N PRO A 73 12.85 -4.14 7.17
CA PRO A 73 13.50 -2.86 7.44
C PRO A 73 14.78 -2.65 6.64
N GLU A 74 15.55 -3.72 6.36
CA GLU A 74 16.78 -3.55 5.57
C GLU A 74 16.49 -3.10 4.15
N ARG A 75 15.33 -3.52 3.59
CA ARG A 75 14.93 -3.12 2.24
C ARG A 75 14.53 -1.61 2.26
N ILE A 76 13.84 -1.16 3.32
CA ILE A 76 13.54 0.27 3.47
C ILE A 76 14.84 1.07 3.51
N ARG A 77 15.80 0.62 4.33
CA ARG A 77 17.07 1.34 4.48
C ARG A 77 17.75 1.43 3.13
N GLU A 78 17.82 0.31 2.39
CA GLU A 78 18.44 0.25 1.06
C GLU A 78 17.74 1.21 0.08
N ILE A 79 16.38 1.17 0.06
CA ILE A 79 15.67 2.06 -0.87
C ILE A 79 15.89 3.52 -0.52
N ALA A 80 15.82 3.84 0.78
CA ALA A 80 16.04 5.19 1.30
C ALA A 80 17.42 5.73 0.92
N GLN A 81 18.48 4.96 1.24
CA GLN A 81 19.86 5.41 0.95
C GLN A 81 20.11 5.61 -0.53
N ASN A 82 19.54 4.73 -1.39
CA ASN A 82 19.69 4.85 -2.83
C ASN A 82 18.89 6.03 -3.43
N ARG A 83 17.94 6.55 -2.65
CA ARG A 83 17.16 7.73 -3.05
C ARG A 83 17.64 9.00 -2.33
N GLY A 84 18.82 8.92 -1.70
CA GLY A 84 19.42 10.07 -1.02
C GLY A 84 18.81 10.47 0.31
N LEU A 85 18.00 9.58 0.92
CA LEU A 85 17.37 9.90 2.20
C LEU A 85 18.16 9.25 3.31
N ASP A 86 17.94 9.70 4.54
CA ASP A 86 18.58 9.11 5.69
C ASP A 86 17.83 7.82 6.04
N PRO A 87 18.48 6.64 5.96
CA PRO A 87 17.76 5.38 6.19
C PRO A 87 17.12 5.23 7.58
N ASP A 88 17.77 5.71 8.65
CA ASP A 88 17.22 5.60 9.99
C ASP A 88 16.02 6.53 10.18
N GLU A 89 16.07 7.73 9.59
CA GLU A 89 14.97 8.68 9.69
C GLU A 89 13.74 8.15 8.95
N VAL A 90 13.95 7.59 7.77
CA VAL A 90 12.89 6.98 6.99
C VAL A 90 12.25 5.83 7.77
N LEU A 91 13.06 4.98 8.43
CA LEU A 91 12.49 3.90 9.23
C LEU A 91 11.70 4.38 10.44
N LYS A 92 12.16 5.47 11.09
CA LYS A 92 11.49 6.04 12.27
C LYS A 92 10.09 6.52 11.95
N HIS A 93 9.83 6.86 10.66
CA HIS A 93 8.53 7.40 10.24
C HIS A 93 7.62 6.33 9.64
N ILE A 94 7.95 5.05 9.89
CA ILE A 94 7.09 3.92 9.55
C ILE A 94 6.65 3.22 10.85
N ALA A 95 5.41 3.38 11.24
CA ALA A 95 4.88 2.66 12.42
C ALA A 95 4.45 1.27 11.95
N TYR A 96 4.91 0.24 12.64
CA TYR A 96 4.69 -1.14 12.27
C TYR A 96 3.81 -1.92 13.24
N ALA A 97 2.91 -2.76 12.70
CA ALA A 97 2.12 -3.69 13.48
C ALA A 97 2.02 -5.02 12.77
N ARG A 98 2.25 -6.12 13.49
CA ARG A 98 2.07 -7.46 12.97
C ARG A 98 0.68 -7.92 13.45
N ALA A 99 -0.17 -8.37 12.52
CA ALA A 99 -1.51 -8.86 12.83
C ALA A 99 -1.43 -10.38 12.77
N PHE A 100 -1.74 -11.01 13.90
CA PHE A 100 -1.65 -12.45 14.06
C PHE A 100 -2.87 -13.26 13.56
N ASN A 101 -4.00 -12.61 13.46
CA ASN A 101 -5.24 -13.23 12.98
C ASN A 101 -6.14 -12.13 12.42
N SER A 102 -7.28 -12.50 11.82
CA SER A 102 -8.17 -11.51 11.21
C SER A 102 -8.80 -10.56 12.22
N ASN A 103 -9.14 -11.05 13.44
CA ASN A 103 -9.69 -10.13 14.43
C ASN A 103 -8.71 -9.03 14.83
N HIS A 104 -7.46 -9.42 15.08
CA HIS A 104 -6.38 -8.51 15.45
C HIS A 104 -6.09 -7.57 14.28
N GLN A 105 -6.10 -8.08 13.04
CA GLN A 105 -5.93 -7.21 11.87
C GLN A 105 -7.01 -6.08 11.82
N MET A 106 -8.27 -6.45 12.11
CA MET A 106 -9.36 -5.52 12.10
C MET A 106 -9.19 -4.49 13.23
N LEU A 107 -8.77 -4.97 14.42
CA LEU A 107 -8.57 -4.13 15.60
C LEU A 107 -7.47 -3.11 15.36
N LEU A 108 -6.41 -3.52 14.61
CA LEU A 108 -5.29 -2.62 14.31
C LEU A 108 -5.69 -1.46 13.44
N VAL A 109 -6.63 -1.65 12.52
CA VAL A 109 -7.10 -0.56 11.69
C VAL A 109 -7.83 0.46 12.57
N GLN A 110 -8.61 -0.07 13.52
CA GLN A 110 -9.31 0.76 14.49
C GLN A 110 -8.31 1.49 15.40
N GLN A 111 -7.23 0.79 15.87
CA GLN A 111 -6.20 1.37 16.72
C GLN A 111 -5.33 2.43 15.99
N ALA A 112 -5.11 2.27 14.67
CA ALA A 112 -4.31 3.19 13.85
C ALA A 112 -4.82 4.64 13.93
N GLU A 113 -6.13 4.82 14.17
CA GLU A 113 -6.75 6.13 14.23
C GLU A 113 -6.14 7.00 15.33
N ASP A 114 -5.65 6.39 16.41
CA ASP A 114 -5.03 7.11 17.51
C ASP A 114 -3.80 7.91 17.01
N MET A 115 -2.86 7.20 16.35
CA MET A 115 -1.64 7.82 15.83
C MET A 115 -1.97 8.76 14.69
N ILE A 116 -2.96 8.41 13.83
CA ILE A 116 -3.32 9.29 12.71
C ILE A 116 -3.76 10.63 13.30
N LYS A 117 -4.63 10.60 14.33
CA LYS A 117 -5.11 11.85 14.96
C LYS A 117 -3.95 12.67 15.56
N GLU A 118 -3.01 11.99 16.24
CA GLU A 118 -1.85 12.65 16.86
C GLU A 118 -0.95 13.36 15.86
N LEU A 119 -0.77 12.77 14.66
CA LEU A 119 0.14 13.34 13.67
C LEU A 119 -0.55 14.27 12.67
N LEU A 120 -1.89 14.30 12.69
CA LEU A 120 -2.70 15.03 11.71
C LEU A 120 -2.27 16.47 11.40
N ASN A 121 -2.08 17.28 12.43
CA ASN A 121 -1.73 18.70 12.16
C ASN A 121 -0.24 18.96 12.37
N THR A 122 0.58 17.95 12.18
CA THR A 122 2.02 18.10 12.35
C THR A 122 2.70 18.26 10.99
N ASP A 123 4.04 18.24 11.00
CA ASP A 123 4.86 18.31 9.79
C ASP A 123 4.95 16.93 9.08
N ARG A 124 4.46 15.84 9.74
CA ARG A 124 4.57 14.49 9.16
C ARG A 124 3.26 13.72 9.38
N PRO A 125 2.12 14.22 8.87
CA PRO A 125 0.87 13.47 9.05
C PRO A 125 0.96 12.10 8.38
N VAL A 126 0.20 11.15 8.87
CA VAL A 126 0.13 9.84 8.21
C VAL A 126 -0.49 10.08 6.82
N LYS A 127 0.25 9.66 5.79
CA LYS A 127 -0.23 9.79 4.41
C LYS A 127 -0.33 8.44 3.68
N LEU A 128 0.13 7.35 4.31
CA LEU A 128 0.09 6.03 3.70
C LEU A 128 -0.17 5.00 4.78
N LEU A 129 -1.18 4.14 4.58
CA LEU A 129 -1.54 3.05 5.44
C LEU A 129 -1.50 1.82 4.58
N ILE A 130 -0.58 0.91 4.89
CA ILE A 130 -0.38 -0.33 4.14
C ILE A 130 -0.98 -1.48 4.88
N VAL A 131 -1.69 -2.37 4.18
CA VAL A 131 -2.13 -3.64 4.76
C VAL A 131 -1.59 -4.69 3.79
N ASP A 132 -0.55 -5.43 4.20
CA ASP A 132 0.02 -6.52 3.42
C ASP A 132 -0.14 -7.75 4.30
N SER A 133 -0.93 -8.76 3.98
CA SER A 133 -1.74 -9.02 2.77
C SER A 133 -3.13 -9.23 3.27
N LEU A 134 -4.02 -8.42 2.72
CA LEU A 134 -5.37 -8.14 3.14
C LEU A 134 -6.17 -9.35 3.55
N THR A 135 -6.16 -10.39 2.74
CA THR A 135 -7.05 -11.51 2.99
C THR A 135 -6.43 -12.78 3.50
N SER A 136 -5.11 -12.83 3.69
CA SER A 136 -4.41 -14.05 4.10
C SER A 136 -5.05 -14.71 5.36
N HIS A 137 -5.38 -13.92 6.41
CA HIS A 137 -5.99 -14.50 7.60
C HIS A 137 -7.44 -14.85 7.39
N PHE A 138 -8.16 -14.05 6.59
CA PHE A 138 -9.59 -14.30 6.34
C PHE A 138 -9.75 -15.59 5.55
N ARG A 139 -8.88 -15.82 4.56
CA ARG A 139 -8.92 -17.04 3.74
C ARG A 139 -8.57 -18.30 4.56
N SER A 140 -7.61 -18.18 5.47
CA SER A 140 -7.15 -19.26 6.33
C SER A 140 -8.17 -19.62 7.44
N GLU A 141 -8.84 -18.62 8.01
CA GLU A 141 -9.75 -18.79 9.13
C GLU A 141 -11.17 -19.22 8.75
N TYR A 142 -11.65 -18.80 7.58
CA TYR A 142 -13.02 -19.05 7.13
C TYR A 142 -13.05 -19.97 5.94
N ILE A 143 -13.03 -21.29 6.20
CA ILE A 143 -12.96 -22.31 5.14
C ILE A 143 -14.32 -22.82 4.71
N GLY A 144 -14.54 -22.86 3.40
CA GLY A 144 -15.73 -23.43 2.78
C GLY A 144 -17.02 -22.65 2.74
N ARG A 145 -18.11 -23.39 2.42
CA ARG A 145 -19.48 -22.94 2.21
C ARG A 145 -20.09 -22.18 3.38
N GLY A 146 -20.17 -22.84 4.54
CA GLY A 146 -20.77 -22.30 5.75
C GLY A 146 -20.04 -21.13 6.39
N ALA A 147 -18.85 -20.78 5.85
CA ALA A 147 -18.00 -19.70 6.36
C ALA A 147 -17.93 -18.45 5.47
N LEU A 148 -18.37 -18.56 4.21
CA LEU A 148 -18.34 -17.49 3.23
C LEU A 148 -19.11 -16.23 3.65
N ALA A 149 -20.33 -16.39 4.18
CA ALA A 149 -21.17 -15.26 4.60
C ALA A 149 -20.48 -14.41 5.68
N GLU A 150 -19.89 -15.06 6.71
CA GLU A 150 -19.19 -14.33 7.76
C GLU A 150 -17.86 -13.76 7.24
N ARG A 151 -17.14 -14.50 6.35
CA ARG A 151 -15.85 -14.03 5.79
C ARG A 151 -16.09 -12.73 5.00
N GLN A 152 -17.11 -12.73 4.14
CA GLN A 152 -17.47 -11.56 3.34
C GLN A 152 -17.92 -10.39 4.20
N GLN A 153 -18.74 -10.65 5.25
CA GLN A 153 -19.24 -9.65 6.21
C GLN A 153 -18.06 -8.97 6.90
N LYS A 154 -17.16 -9.78 7.49
CA LYS A 154 -15.97 -9.29 8.20
C LYS A 154 -15.03 -8.50 7.27
N LEU A 155 -14.77 -9.02 6.06
CA LEU A 155 -13.92 -8.31 5.08
C LEU A 155 -14.55 -7.00 4.63
N ALA A 156 -15.89 -6.98 4.42
CA ALA A 156 -16.57 -5.74 4.05
C ALA A 156 -16.42 -4.71 5.16
N LYS A 157 -16.55 -5.12 6.43
CA LYS A 157 -16.42 -4.18 7.55
C LYS A 157 -14.98 -3.65 7.60
N HIS A 158 -13.99 -4.55 7.38
CA HIS A 158 -12.58 -4.16 7.40
C HIS A 158 -12.29 -3.11 6.33
N LEU A 159 -12.83 -3.33 5.11
CA LEU A 159 -12.67 -2.40 4.00
C LEU A 159 -13.38 -1.08 4.23
N ALA A 160 -14.55 -1.11 4.90
CA ALA A 160 -15.27 0.10 5.22
C ALA A 160 -14.46 0.92 6.21
N ASP A 161 -13.81 0.24 7.19
CA ASP A 161 -12.96 0.88 8.19
C ASP A 161 -11.78 1.55 7.49
N LEU A 162 -11.20 0.85 6.49
CA LEU A 162 -10.07 1.43 5.78
C LEU A 162 -10.47 2.64 4.93
N HIS A 163 -11.62 2.56 4.23
CA HIS A 163 -12.13 3.67 3.41
C HIS A 163 -12.39 4.89 4.28
N ARG A 164 -12.94 4.66 5.49
CA ARG A 164 -13.23 5.75 6.43
C ARG A 164 -11.95 6.48 6.79
N LEU A 165 -10.87 5.76 7.16
CA LEU A 165 -9.61 6.43 7.50
C LEU A 165 -9.06 7.17 6.30
N ALA A 166 -9.13 6.54 5.11
CA ALA A 166 -8.59 7.16 3.89
C ALA A 166 -9.28 8.51 3.62
N ASN A 167 -10.64 8.54 3.73
CA ASN A 167 -11.42 9.73 3.40
C ASN A 167 -11.36 10.79 4.48
N LEU A 168 -11.52 10.39 5.74
CA LEU A 168 -11.55 11.33 6.85
C LEU A 168 -10.20 11.99 7.10
N TYR A 169 -9.11 11.25 6.89
CA TYR A 169 -7.80 11.78 7.22
C TYR A 169 -6.88 12.00 6.02
N ASP A 170 -7.41 11.92 4.78
CA ASP A 170 -6.66 12.18 3.56
C ASP A 170 -5.39 11.31 3.52
N ILE A 171 -5.63 10.00 3.60
CA ILE A 171 -4.59 8.96 3.57
C ILE A 171 -4.74 8.10 2.34
N ALA A 172 -3.60 7.64 1.76
CA ALA A 172 -3.64 6.69 0.68
C ALA A 172 -3.55 5.34 1.39
N VAL A 173 -4.56 4.48 1.17
CA VAL A 173 -4.53 3.12 1.73
C VAL A 173 -4.05 2.24 0.58
N PHE A 174 -3.06 1.40 0.86
CA PHE A 174 -2.45 0.53 -0.15
C PHE A 174 -2.50 -0.88 0.41
N VAL A 175 -3.16 -1.78 -0.30
CA VAL A 175 -3.30 -3.15 0.19
C VAL A 175 -2.79 -4.12 -0.84
N THR A 176 -2.27 -5.29 -0.40
CA THR A 176 -1.80 -6.30 -1.34
C THR A 176 -2.66 -7.51 -1.16
N ASN A 177 -2.81 -8.31 -2.22
CA ASN A 177 -3.70 -9.48 -2.17
C ASN A 177 -3.31 -10.45 -3.27
N GLN A 178 -3.99 -11.64 -3.28
CA GLN A 178 -3.86 -12.66 -4.31
C GLN A 178 -5.25 -12.97 -4.86
N VAL A 179 -5.32 -13.50 -6.08
CA VAL A 179 -6.62 -13.85 -6.64
C VAL A 179 -6.67 -15.32 -7.07
N ALA A 191 -15.14 -0.05 -5.89
CA ALA A 191 -14.90 1.17 -5.11
C ALA A 191 -13.42 1.33 -4.68
N THR A 192 -12.51 0.54 -5.29
CA THR A 192 -11.07 0.51 -5.01
C THR A 192 -10.37 0.31 -6.36
N LEU A 193 -9.18 0.93 -6.56
N LEU A 193 -9.20 0.97 -6.60
CA LEU A 193 -8.41 0.80 -7.80
CA LEU A 193 -8.48 0.73 -7.84
C LEU A 193 -7.66 -0.53 -7.75
C LEU A 193 -7.81 -0.62 -7.68
N ARG A 194 -7.91 -1.46 -8.71
CA ARG A 194 -7.32 -2.79 -8.69
C ARG A 194 -6.25 -2.91 -9.75
N VAL A 195 -5.02 -3.21 -9.31
CA VAL A 195 -3.85 -3.30 -10.17
C VAL A 195 -3.33 -4.71 -10.10
N TYR A 196 -3.14 -5.37 -11.26
CA TYR A 196 -2.66 -6.73 -11.32
C TYR A 196 -1.25 -6.81 -11.81
N LEU A 197 -0.39 -7.41 -11.01
CA LEU A 197 1.04 -7.51 -11.32
C LEU A 197 1.41 -8.88 -11.83
N ARG A 198 2.40 -8.94 -12.71
CA ARG A 198 2.87 -10.21 -13.23
C ARG A 198 4.29 -10.08 -13.67
N LYS A 199 4.94 -11.23 -13.85
CA LYS A 199 6.30 -11.27 -14.36
C LYS A 199 6.26 -10.94 -15.84
N GLY A 200 7.15 -10.06 -16.26
CA GLY A 200 7.28 -9.66 -17.64
C GLY A 200 8.49 -10.35 -18.24
N LYS A 201 9.05 -9.79 -19.30
CA LYS A 201 10.22 -10.41 -19.93
C LYS A 201 11.52 -9.84 -19.38
N GLY A 202 12.55 -10.67 -19.32
CA GLY A 202 13.88 -10.31 -18.85
C GLY A 202 13.97 -9.79 -17.42
N GLY A 203 13.16 -10.36 -16.54
CA GLY A 203 13.10 -9.97 -15.14
C GLY A 203 12.35 -8.68 -14.85
N LYS A 204 11.68 -8.12 -15.87
CA LYS A 204 10.87 -6.92 -15.65
C LYS A 204 9.51 -7.36 -15.12
N ARG A 205 8.71 -6.41 -14.64
CA ARG A 205 7.36 -6.70 -14.15
C ARG A 205 6.38 -5.87 -14.92
N ILE A 206 5.14 -6.34 -15.03
CA ILE A 206 4.07 -5.63 -15.72
C ILE A 206 2.91 -5.41 -14.78
N ALA A 207 2.36 -4.20 -14.79
CA ALA A 207 1.15 -3.88 -14.06
C ALA A 207 0.04 -3.63 -15.06
N ARG A 208 -1.13 -4.21 -14.79
CA ARG A 208 -2.32 -4.05 -15.60
C ARG A 208 -3.43 -3.47 -14.75
N LEU A 209 -4.04 -2.42 -15.26
CA LEU A 209 -5.12 -1.80 -14.55
C LEU A 209 -6.36 -2.35 -15.12
N ILE A 210 -7.21 -2.83 -14.23
CA ILE A 210 -8.44 -3.49 -14.62
C ILE A 210 -9.63 -2.87 -13.92
N ASP A 211 -10.68 -2.63 -14.70
CA ASP A 211 -11.98 -2.11 -14.28
C ASP A 211 -11.93 -0.80 -13.51
N ALA A 212 -10.96 0.08 -13.83
CA ALA A 212 -10.93 1.41 -13.21
C ALA A 212 -12.10 2.20 -13.80
N PRO A 213 -12.95 2.85 -12.99
CA PRO A 213 -14.09 3.57 -13.58
C PRO A 213 -13.71 4.80 -14.42
N HIS A 214 -12.58 5.49 -14.12
CA HIS A 214 -12.21 6.73 -14.81
C HIS A 214 -10.74 6.78 -15.27
N LEU A 215 -10.13 5.60 -15.42
CA LEU A 215 -8.81 5.45 -15.96
C LEU A 215 -8.86 4.35 -17.00
N PRO A 216 -8.25 4.53 -18.17
CA PRO A 216 -8.30 3.45 -19.17
C PRO A 216 -7.52 2.25 -18.70
N GLU A 217 -7.99 1.07 -19.08
CA GLU A 217 -7.25 -0.15 -18.81
C GLU A 217 -5.98 0.01 -19.62
N GLY A 218 -4.90 -0.43 -19.07
CA GLY A 218 -3.63 -0.33 -19.72
C GLY A 218 -2.65 -1.16 -18.97
N GLU A 219 -1.40 -1.12 -19.44
CA GLU A 219 -0.27 -1.84 -18.90
C GLU A 219 0.90 -0.90 -18.74
N ALA A 220 1.70 -1.16 -17.74
CA ALA A 220 2.93 -0.44 -17.47
C ALA A 220 3.99 -1.46 -17.18
N VAL A 221 5.19 -1.33 -17.75
CA VAL A 221 6.33 -2.19 -17.50
C VAL A 221 7.28 -1.45 -16.53
N PHE A 222 7.79 -2.15 -15.50
CA PHE A 222 8.70 -1.55 -14.54
C PHE A 222 9.76 -2.54 -14.12
N SER A 223 10.79 -2.03 -13.42
CA SER A 223 11.92 -2.79 -12.95
C SER A 223 11.96 -2.70 -11.40
N ILE A 224 12.66 -3.66 -10.79
CA ILE A 224 12.90 -3.70 -9.34
C ILE A 224 14.40 -3.54 -9.22
N THR A 225 14.83 -2.45 -8.57
CA THR A 225 16.24 -2.10 -8.41
C THR A 225 16.58 -1.81 -6.94
N GLU A 226 17.80 -1.30 -6.71
CA GLU A 226 18.24 -0.90 -5.37
C GLU A 226 17.42 0.29 -4.90
N LYS A 227 16.79 1.04 -5.84
CA LYS A 227 15.88 2.17 -5.56
C LYS A 227 14.43 1.68 -5.32
N GLY A 228 14.21 0.39 -5.42
CA GLY A 228 12.88 -0.21 -5.26
C GLY A 228 12.28 -0.29 -6.64
N ILE A 229 11.10 0.26 -6.81
CA ILE A 229 10.46 0.28 -8.13
C ILE A 229 10.95 1.50 -8.93
N GLU A 230 11.22 1.29 -10.23
CA GLU A 230 11.51 2.34 -11.20
C GLU A 230 11.25 1.79 -12.60
N ASP A 231 11.30 2.63 -13.64
CA ASP A 231 11.09 2.17 -15.01
C ASP A 231 12.19 1.19 -15.39
#